data_5Q1B
#
_entry.id   5Q1B
#
_cell.length_a   72.090
_cell.length_b   83.580
_cell.length_c   187.990
_cell.angle_alpha   90.000
_cell.angle_beta   90.000
_cell.angle_gamma   90.000
#
_symmetry.space_group_name_H-M   'C 2 2 21'
#
loop_
_entity.id
_entity.type
_entity.pdbx_description
1 polymer 'Bile acid receptor'
2 polymer 'COACTIVATOR PEPTIDE SRC-1 HD3'
3 non-polymer '4-{[(2S)-2-cyclohexyl-2-{5,6-difluoro-2-[4-(1,3-thiazol-2-yl)phenyl]-1H-benzimidazol-1-yl}acetyl]amino}benzoic acid'
4 water water
#
loop_
_entity_poly.entity_id
_entity_poly.type
_entity_poly.pdbx_seq_one_letter_code
_entity_poly.pdbx_strand_id
1 'polypeptide(L)'
;GSHMELTPDQQTLLHFIMDSYNKQRMPQEITNKILKEAFSAEENFLILTEMATNHVQVLVEFTKKLPGFQTLDHEDQIAL
LKGSAVEAMFLRSAEIFNKKLPSGHSDLLEARIRNSGISDEYITPMFSFYKSIGELKMTQEEYALLTAIVILSPDRQYIK
DREAVEKLQEPLLDVLQKLCKIHQPENPQHFACLLGRLTELRTFNHHHAEMLMSWRVNDHKFTPLLCEIWDVQ
;
A,C
2 'polypeptide(L)' KDHQLLRYLLDKDE B,D
#
loop_
_chem_comp.id
_chem_comp.type
_chem_comp.name
_chem_comp.formula
9N7 non-polymer '4-{[(2S)-2-cyclohexyl-2-{5,6-difluoro-2-[4-(1,3-thiazol-2-yl)phenyl]-1H-benzimidazol-1-yl}acetyl]amino}benzoic acid' 'C31 H26 F2 N4 O3 S'
#
# COMPACT_ATOMS: atom_id res chain seq x y z
N MET A 4 -41.29 7.87 -26.03
CA MET A 4 -40.07 8.63 -25.73
C MET A 4 -39.97 8.95 -24.23
N GLU A 5 -41.02 9.60 -23.68
CA GLU A 5 -41.13 9.97 -22.26
C GLU A 5 -41.75 8.82 -21.44
N LEU A 6 -41.54 8.83 -20.10
CA LEU A 6 -42.11 7.79 -19.22
C LEU A 6 -43.63 7.90 -19.16
N THR A 7 -44.34 6.76 -19.02
CA THR A 7 -45.80 6.71 -18.91
C THR A 7 -46.15 6.84 -17.41
N PRO A 8 -47.44 7.10 -17.00
CA PRO A 8 -47.75 7.19 -15.56
C PRO A 8 -47.37 5.96 -14.74
N ASP A 9 -47.63 4.75 -15.30
CA ASP A 9 -47.32 3.44 -14.70
C ASP A 9 -45.82 3.29 -14.52
N GLN A 10 -45.04 3.74 -15.50
CA GLN A 10 -43.59 3.69 -15.47
C GLN A 10 -43.02 4.64 -14.41
N GLN A 11 -43.57 5.85 -14.29
CA GLN A 11 -43.15 6.83 -13.27
C GLN A 11 -43.44 6.29 -11.87
N THR A 12 -44.59 5.60 -11.72
CA THR A 12 -45.02 4.99 -10.46
C THR A 12 -44.06 3.87 -10.08
N LEU A 13 -43.74 2.99 -11.04
CA LEU A 13 -42.82 1.88 -10.84
C LEU A 13 -41.42 2.39 -10.45
N LEU A 14 -40.90 3.38 -11.22
CA LEU A 14 -39.59 3.99 -10.98
C LEU A 14 -39.46 4.54 -9.56
N HIS A 15 -40.48 5.34 -9.12
CA HIS A 15 -40.53 5.94 -7.79
C HIS A 15 -40.59 4.92 -6.68
N PHE A 16 -41.30 3.81 -6.95
CA PHE A 16 -41.43 2.72 -6.00
C PHE A 16 -40.10 1.94 -5.86
N ILE A 17 -39.38 1.73 -6.99
CA ILE A 17 -38.06 1.10 -6.98
C ILE A 17 -37.07 2.00 -6.21
N MET A 18 -37.20 3.34 -6.40
CA MET A 18 -36.39 4.34 -5.71
C MET A 18 -36.56 4.34 -4.20
N ASP A 19 -37.82 4.35 -3.71
CA ASP A 19 -38.08 4.33 -2.27
C ASP A 19 -37.41 3.11 -1.65
N SER A 20 -37.68 1.94 -2.27
CA SER A 20 -37.15 0.63 -1.92
C SER A 20 -35.62 0.60 -1.89
N TYR A 21 -34.96 1.19 -2.91
CA TYR A 21 -33.49 1.24 -3.03
C TYR A 21 -32.85 2.16 -2.01
N ASN A 22 -33.53 3.28 -1.67
CA ASN A 22 -33.03 4.25 -0.69
C ASN A 22 -32.98 3.72 0.75
N LYS A 23 -33.57 2.51 1.00
CA LYS A 23 -33.51 1.84 2.31
C LYS A 23 -32.09 1.28 2.61
N GLN A 24 -31.22 1.30 1.61
CA GLN A 24 -29.82 0.85 1.70
C GLN A 24 -28.98 1.71 2.64
N ARG A 25 -27.92 1.10 3.22
CA ARG A 25 -26.95 1.75 4.11
C ARG A 25 -26.28 2.92 3.36
N MET A 26 -26.11 4.05 4.04
CA MET A 26 -25.50 5.25 3.45
C MET A 26 -24.09 4.99 2.88
N PRO A 27 -23.77 5.41 1.62
CA PRO A 27 -22.41 5.19 1.09
C PRO A 27 -21.34 5.81 1.97
N GLN A 28 -21.60 7.04 2.50
CA GLN A 28 -20.71 7.78 3.41
C GLN A 28 -20.42 6.98 4.68
N GLU A 29 -21.44 6.28 5.22
CA GLU A 29 -21.30 5.42 6.41
C GLU A 29 -20.24 4.32 6.14
N ILE A 30 -20.31 3.69 4.94
CA ILE A 30 -19.39 2.65 4.47
C ILE A 30 -17.95 3.20 4.27
N THR A 31 -17.80 4.29 3.48
CA THR A 31 -16.49 4.91 3.21
C THR A 31 -15.81 5.45 4.46
N ASN A 32 -16.59 5.94 5.47
CA ASN A 32 -16.02 6.45 6.74
C ASN A 32 -15.37 5.33 7.52
N LYS A 33 -16.01 4.13 7.55
CA LYS A 33 -15.49 2.96 8.23
C LYS A 33 -14.11 2.57 7.65
N ILE A 34 -13.97 2.62 6.30
CA ILE A 34 -12.74 2.29 5.59
C ILE A 34 -11.66 3.40 5.72
N LEU A 35 -12.04 4.68 5.47
CA LEU A 35 -11.12 5.82 5.53
C LEU A 35 -10.68 6.21 6.95
N LYS A 36 -11.43 5.77 8.01
CA LYS A 36 -11.18 6.07 9.43
C LYS A 36 -9.72 5.85 9.80
N GLU A 37 -9.27 4.60 9.70
CA GLU A 37 -7.91 4.19 9.99
C GLU A 37 -7.55 3.01 9.09
N ALA A 38 -6.25 2.73 8.94
CA ALA A 38 -5.81 1.60 8.14
C ALA A 38 -5.90 0.36 9.03
N PHE A 39 -6.71 -0.61 8.59
CA PHE A 39 -6.94 -1.85 9.30
C PHE A 39 -6.04 -2.93 8.73
N SER A 40 -5.80 -3.99 9.53
CA SER A 40 -5.06 -5.17 9.07
C SER A 40 -5.97 -5.91 8.08
N ALA A 41 -5.43 -6.93 7.38
CA ALA A 41 -6.22 -7.72 6.43
C ALA A 41 -7.32 -8.50 7.16
N GLU A 42 -7.05 -8.90 8.42
CA GLU A 42 -7.98 -9.63 9.28
C GLU A 42 -9.15 -8.76 9.73
N GLU A 43 -8.88 -7.47 10.05
CA GLU A 43 -9.93 -6.52 10.43
C GLU A 43 -10.78 -6.18 9.20
N ASN A 44 -10.13 -6.09 8.01
CA ASN A 44 -10.78 -5.80 6.72
C ASN A 44 -11.73 -6.92 6.26
N PHE A 45 -11.30 -8.19 6.41
CA PHE A 45 -12.11 -9.36 6.08
C PHE A 45 -13.37 -9.41 6.98
N LEU A 46 -13.22 -9.07 8.28
CA LEU A 46 -14.31 -8.99 9.25
C LEU A 46 -15.30 -7.90 8.83
N ILE A 47 -14.79 -6.72 8.41
CA ILE A 47 -15.64 -5.63 7.90
C ILE A 47 -16.43 -6.13 6.69
N LEU A 48 -15.74 -6.83 5.74
CA LEU A 48 -16.35 -7.38 4.52
C LEU A 48 -17.55 -8.30 4.83
N THR A 49 -17.36 -9.26 5.75
CA THR A 49 -18.40 -10.20 6.16
C THR A 49 -19.57 -9.52 6.85
N GLU A 50 -19.30 -8.48 7.68
CA GLU A 50 -20.34 -7.70 8.36
C GLU A 50 -21.14 -6.91 7.31
N MET A 51 -20.44 -6.19 6.41
CA MET A 51 -21.06 -5.40 5.34
C MET A 51 -21.94 -6.27 4.45
N ALA A 52 -21.41 -7.41 4.01
CA ALA A 52 -22.09 -8.35 3.13
C ALA A 52 -23.30 -9.01 3.81
N THR A 53 -23.22 -9.29 5.12
CA THR A 53 -24.37 -9.86 5.84
C THR A 53 -25.53 -8.85 5.80
N ASN A 54 -25.26 -7.56 6.12
CA ASN A 54 -26.29 -6.53 6.08
C ASN A 54 -26.81 -6.29 4.65
N HIS A 55 -25.88 -6.28 3.64
CA HIS A 55 -26.20 -6.13 2.24
C HIS A 55 -27.23 -7.15 1.78
N VAL A 56 -26.99 -8.44 2.08
CA VAL A 56 -27.90 -9.53 1.70
C VAL A 56 -29.27 -9.40 2.40
N GLN A 57 -29.26 -8.95 3.65
CA GLN A 57 -30.52 -8.73 4.37
C GLN A 57 -31.32 -7.61 3.73
N VAL A 58 -30.67 -6.49 3.36
CA VAL A 58 -31.36 -5.38 2.71
C VAL A 58 -31.82 -5.80 1.30
N LEU A 59 -31.02 -6.63 0.61
CA LEU A 59 -31.30 -7.11 -0.74
C LEU A 59 -32.55 -7.99 -0.78
N VAL A 60 -32.75 -8.86 0.23
CA VAL A 60 -33.94 -9.71 0.31
C VAL A 60 -35.20 -8.83 0.38
N GLU A 61 -35.19 -7.82 1.25
CA GLU A 61 -36.28 -6.84 1.42
C GLU A 61 -36.58 -6.05 0.14
N PHE A 62 -35.53 -5.63 -0.61
CA PHE A 62 -35.68 -4.90 -1.88
C PHE A 62 -36.30 -5.85 -2.92
N THR A 63 -35.80 -7.09 -2.96
CA THR A 63 -36.22 -8.14 -3.87
C THR A 63 -37.71 -8.50 -3.66
N LYS A 64 -38.15 -8.66 -2.40
CA LYS A 64 -39.55 -9.01 -2.11
C LYS A 64 -40.54 -7.90 -2.51
N LYS A 65 -40.08 -6.63 -2.57
CA LYS A 65 -40.89 -5.49 -3.00
C LYS A 65 -40.91 -5.36 -4.54
N LEU A 66 -40.09 -6.13 -5.31
CA LEU A 66 -40.08 -6.05 -6.78
C LEU A 66 -41.41 -6.59 -7.31
N PRO A 67 -42.11 -5.82 -8.18
CA PRO A 67 -43.43 -6.27 -8.66
C PRO A 67 -43.45 -7.65 -9.29
N GLY A 68 -44.30 -8.53 -8.75
CA GLY A 68 -44.48 -9.88 -9.24
C GLY A 68 -43.59 -10.94 -8.62
N PHE A 69 -42.54 -10.52 -7.90
CA PHE A 69 -41.60 -11.44 -7.25
C PHE A 69 -42.26 -12.48 -6.36
N GLN A 70 -43.24 -12.05 -5.54
CA GLN A 70 -43.97 -12.89 -4.61
C GLN A 70 -44.87 -13.93 -5.31
N THR A 71 -45.24 -13.69 -6.59
CA THR A 71 -46.07 -14.62 -7.38
C THR A 71 -45.23 -15.78 -7.94
N LEU A 72 -43.90 -15.60 -8.05
CA LEU A 72 -42.97 -16.62 -8.56
C LEU A 72 -42.87 -17.83 -7.66
N ASP A 73 -42.55 -19.00 -8.27
CA ASP A 73 -42.35 -20.27 -7.57
C ASP A 73 -41.25 -20.09 -6.51
N HIS A 74 -41.47 -20.67 -5.31
CA HIS A 74 -40.56 -20.56 -4.16
C HIS A 74 -39.13 -20.97 -4.47
N GLU A 75 -38.92 -22.06 -5.22
CA GLU A 75 -37.57 -22.51 -5.57
C GLU A 75 -36.88 -21.55 -6.56
N ASP A 76 -37.66 -20.97 -7.51
CA ASP A 76 -37.18 -19.98 -8.47
C ASP A 76 -36.75 -18.68 -7.75
N GLN A 77 -37.48 -18.32 -6.68
CA GLN A 77 -37.19 -17.15 -5.84
C GLN A 77 -35.79 -17.27 -5.21
N ILE A 78 -35.46 -18.46 -4.66
CA ILE A 78 -34.17 -18.79 -4.02
C ILE A 78 -33.06 -18.72 -5.06
N ALA A 79 -33.28 -19.35 -6.23
CA ALA A 79 -32.35 -19.41 -7.36
C ALA A 79 -32.03 -18.00 -7.86
N LEU A 80 -33.05 -17.11 -7.97
CA LEU A 80 -32.81 -15.72 -8.38
C LEU A 80 -31.96 -14.95 -7.36
N LEU A 81 -32.24 -15.15 -6.06
CA LEU A 81 -31.51 -14.47 -4.99
C LEU A 81 -30.08 -14.93 -4.84
N LYS A 82 -29.87 -16.26 -4.86
CA LYS A 82 -28.55 -16.86 -4.75
C LYS A 82 -27.65 -16.46 -5.96
N GLY A 83 -28.25 -16.32 -7.15
CA GLY A 83 -27.54 -15.98 -8.37
C GLY A 83 -27.21 -14.51 -8.54
N SER A 84 -27.81 -13.64 -7.71
CA SER A 84 -27.60 -12.21 -7.88
C SER A 84 -26.95 -11.50 -6.70
N ALA A 85 -26.92 -12.13 -5.51
CA ALA A 85 -26.38 -11.46 -4.31
C ALA A 85 -24.97 -10.89 -4.48
N VAL A 86 -24.03 -11.69 -5.00
CA VAL A 86 -22.65 -11.29 -5.23
C VAL A 86 -22.54 -10.15 -6.24
N GLU A 87 -23.24 -10.28 -7.39
CA GLU A 87 -23.24 -9.27 -8.46
C GLU A 87 -23.75 -7.94 -7.95
N ALA A 88 -24.83 -7.99 -7.11
CA ALA A 88 -25.48 -6.81 -6.53
C ALA A 88 -24.57 -6.05 -5.57
N MET A 89 -23.78 -6.78 -4.77
CA MET A 89 -22.80 -6.13 -3.87
C MET A 89 -21.66 -5.47 -4.65
N PHE A 90 -21.17 -6.12 -5.72
CA PHE A 90 -20.13 -5.52 -6.57
C PHE A 90 -20.66 -4.30 -7.30
N LEU A 91 -21.93 -4.34 -7.75
CA LEU A 91 -22.55 -3.21 -8.45
C LEU A 91 -22.68 -2.04 -7.49
N ARG A 92 -23.09 -2.34 -6.25
CA ARG A 92 -23.25 -1.36 -5.18
C ARG A 92 -21.90 -0.77 -4.75
N SER A 93 -20.84 -1.61 -4.76
CA SER A 93 -19.47 -1.21 -4.44
C SER A 93 -18.94 -0.23 -5.48
N ALA A 94 -19.31 -0.42 -6.78
CA ALA A 94 -18.93 0.50 -7.86
C ALA A 94 -19.60 1.86 -7.66
N GLU A 95 -20.88 1.87 -7.23
CA GLU A 95 -21.63 3.09 -6.96
C GLU A 95 -20.93 3.84 -5.83
N ILE A 96 -20.66 3.14 -4.68
CA ILE A 96 -19.98 3.70 -3.51
C ILE A 96 -18.61 4.28 -3.92
N PHE A 97 -17.82 3.51 -4.69
CA PHE A 97 -16.50 3.91 -5.16
C PHE A 97 -16.53 5.23 -5.91
N ASN A 98 -17.51 5.38 -6.83
CA ASN A 98 -17.65 6.53 -7.72
C ASN A 98 -18.35 7.75 -7.11
N LYS A 99 -18.76 7.70 -5.83
CA LYS A 99 -19.37 8.84 -5.15
C LYS A 99 -18.29 9.86 -4.83
N LYS A 100 -18.54 11.14 -5.18
CA LYS A 100 -17.59 12.24 -4.93
C LYS A 100 -17.36 12.47 -3.44
N LEU A 101 -16.07 12.64 -3.08
CA LEU A 101 -15.61 12.87 -1.71
C LEU A 101 -14.65 14.08 -1.72
N PRO A 102 -14.31 14.70 -0.55
CA PRO A 102 -13.34 15.82 -0.57
C PRO A 102 -12.02 15.42 -1.25
N SER A 103 -11.33 16.39 -1.88
CA SER A 103 -10.07 16.19 -2.62
C SER A 103 -9.06 15.28 -1.89
N GLY A 104 -8.58 14.26 -2.61
CA GLY A 104 -7.61 13.29 -2.11
C GLY A 104 -8.18 12.04 -1.45
N HIS A 105 -9.42 12.12 -0.92
CA HIS A 105 -10.11 11.01 -0.22
C HIS A 105 -10.42 9.80 -1.12
N SER A 106 -10.69 10.02 -2.42
CA SER A 106 -10.96 8.94 -3.39
C SER A 106 -9.69 8.14 -3.73
N ASP A 107 -8.53 8.81 -3.64
CA ASP A 107 -7.21 8.22 -3.87
C ASP A 107 -6.85 7.33 -2.65
N LEU A 108 -7.18 7.82 -1.42
CA LEU A 108 -6.94 7.11 -0.17
C LEU A 108 -7.87 5.89 -0.05
N LEU A 109 -9.13 6.03 -0.47
CA LEU A 109 -10.11 4.94 -0.46
C LEU A 109 -9.63 3.82 -1.38
N GLU A 110 -9.12 4.17 -2.59
CA GLU A 110 -8.60 3.21 -3.56
C GLU A 110 -7.44 2.41 -2.97
N ALA A 111 -6.45 3.13 -2.37
CA ALA A 111 -5.28 2.54 -1.72
C ALA A 111 -5.65 1.64 -0.54
N ARG A 112 -6.68 2.02 0.25
CA ARG A 112 -7.15 1.21 1.38
C ARG A 112 -7.77 -0.10 0.89
N ILE A 113 -8.56 -0.06 -0.19
CA ILE A 113 -9.16 -1.26 -0.79
C ILE A 113 -8.05 -2.15 -1.40
N ARG A 114 -7.08 -1.54 -2.09
CA ARG A 114 -5.96 -2.25 -2.72
C ARG A 114 -5.16 -3.03 -1.67
N ASN A 115 -5.05 -2.49 -0.44
CA ASN A 115 -4.31 -3.08 0.67
C ASN A 115 -5.19 -3.80 1.70
N SER A 116 -6.40 -4.20 1.31
CA SER A 116 -7.36 -4.84 2.21
C SER A 116 -7.11 -6.32 2.55
N GLY A 117 -6.30 -7.01 1.73
CA GLY A 117 -6.03 -8.43 1.90
C GLY A 117 -6.34 -9.26 0.67
N ILE A 118 -7.14 -8.72 -0.25
CA ILE A 118 -7.50 -9.35 -1.52
C ILE A 118 -6.23 -9.51 -2.44
N SER A 119 -6.17 -10.62 -3.20
CA SER A 119 -5.07 -10.94 -4.14
C SER A 119 -5.02 -9.95 -5.28
N ASP A 120 -3.81 -9.67 -5.80
CA ASP A 120 -3.56 -8.73 -6.89
C ASP A 120 -4.26 -9.12 -8.19
N GLU A 121 -4.39 -10.44 -8.45
CA GLU A 121 -5.08 -11.01 -9.63
C GLU A 121 -6.55 -10.60 -9.71
N TYR A 122 -7.15 -10.25 -8.57
CA TYR A 122 -8.56 -9.82 -8.47
C TYR A 122 -8.71 -8.32 -8.32
N ILE A 123 -7.64 -7.63 -7.85
CA ILE A 123 -7.58 -6.18 -7.64
C ILE A 123 -7.81 -5.40 -8.94
N THR A 124 -6.99 -5.69 -9.97
CA THR A 124 -7.04 -5.01 -11.27
C THR A 124 -8.40 -5.19 -11.98
N PRO A 125 -8.94 -6.42 -12.22
CA PRO A 125 -10.27 -6.52 -12.87
C PRO A 125 -11.39 -5.82 -12.09
N MET A 126 -11.27 -5.78 -10.75
CA MET A 126 -12.19 -5.12 -9.81
C MET A 126 -12.15 -3.60 -10.06
N PHE A 127 -10.96 -2.98 -10.03
CA PHE A 127 -10.79 -1.55 -10.27
C PHE A 127 -11.10 -1.16 -11.70
N SER A 128 -10.88 -2.08 -12.66
CA SER A 128 -11.19 -1.85 -14.07
C SER A 128 -12.72 -1.71 -14.21
N PHE A 129 -13.48 -2.59 -13.53
CA PHE A 129 -14.94 -2.54 -13.54
C PHE A 129 -15.50 -1.28 -12.87
N TYR A 130 -14.93 -0.88 -11.71
CA TYR A 130 -15.37 0.33 -10.98
C TYR A 130 -15.15 1.58 -11.83
N LYS A 131 -13.94 1.65 -12.47
CA LYS A 131 -13.51 2.74 -13.35
C LYS A 131 -14.48 2.86 -14.54
N SER A 132 -14.80 1.73 -15.16
CA SER A 132 -15.70 1.59 -16.31
C SER A 132 -17.09 2.07 -15.96
N ILE A 133 -17.58 1.76 -14.73
CA ILE A 133 -18.88 2.17 -14.21
C ILE A 133 -18.92 3.70 -14.03
N GLY A 134 -17.86 4.26 -13.42
CA GLY A 134 -17.74 5.69 -13.17
C GLY A 134 -17.76 6.55 -14.42
N GLU A 135 -17.20 6.02 -15.53
CA GLU A 135 -17.18 6.67 -16.83
C GLU A 135 -18.58 6.86 -17.40
N LEU A 136 -19.53 5.97 -17.04
CA LEU A 136 -20.92 6.02 -17.48
C LEU A 136 -21.76 7.11 -16.82
N LYS A 137 -21.27 7.72 -15.70
CA LYS A 137 -21.94 8.81 -14.96
C LYS A 137 -23.41 8.46 -14.65
N MET A 138 -23.60 7.27 -14.07
CA MET A 138 -24.92 6.71 -13.71
C MET A 138 -25.59 7.47 -12.57
N THR A 139 -26.92 7.68 -12.71
CA THR A 139 -27.72 8.34 -11.69
C THR A 139 -28.16 7.28 -10.69
N GLN A 140 -28.73 7.69 -9.54
CA GLN A 140 -29.26 6.73 -8.54
C GLN A 140 -30.36 5.83 -9.15
N GLU A 141 -31.19 6.39 -10.06
CA GLU A 141 -32.29 5.70 -10.75
C GLU A 141 -31.75 4.56 -11.60
N GLU A 142 -30.62 4.82 -12.31
CA GLU A 142 -29.96 3.84 -13.16
C GLU A 142 -29.37 2.69 -12.32
N TYR A 143 -28.70 2.99 -11.19
CA TYR A 143 -28.16 1.97 -10.29
C TYR A 143 -29.26 1.07 -9.74
N ALA A 144 -30.38 1.68 -9.30
CA ALA A 144 -31.54 0.98 -8.73
C ALA A 144 -32.22 0.06 -9.71
N LEU A 145 -32.37 0.49 -10.97
CA LEU A 145 -33.01 -0.30 -12.02
C LEU A 145 -32.11 -1.42 -12.47
N LEU A 146 -30.80 -1.12 -12.63
CA LEU A 146 -29.81 -2.12 -13.00
C LEU A 146 -29.71 -3.21 -11.95
N THR A 147 -29.86 -2.86 -10.64
CA THR A 147 -29.89 -3.84 -9.53
C THR A 147 -31.13 -4.71 -9.65
N ALA A 148 -32.29 -4.11 -9.94
CA ALA A 148 -33.56 -4.85 -10.12
C ALA A 148 -33.49 -5.79 -11.32
N ILE A 149 -32.84 -5.34 -12.43
CA ILE A 149 -32.66 -6.13 -13.65
C ILE A 149 -31.73 -7.35 -13.40
N VAL A 150 -30.67 -7.17 -12.60
CA VAL A 150 -29.69 -8.18 -12.21
C VAL A 150 -30.40 -9.28 -11.39
N ILE A 151 -31.24 -8.88 -10.41
CA ILE A 151 -32.01 -9.83 -9.60
C ILE A 151 -32.97 -10.64 -10.49
N LEU A 152 -33.70 -9.96 -11.37
CA LEU A 152 -34.69 -10.63 -12.19
C LEU A 152 -34.14 -11.12 -13.51
N SER A 153 -32.94 -11.72 -13.51
CA SER A 153 -32.34 -12.26 -14.71
C SER A 153 -32.88 -13.67 -15.02
N PRO A 154 -33.67 -13.87 -16.12
CA PRO A 154 -34.19 -15.22 -16.44
C PRO A 154 -33.09 -16.20 -16.85
N ASP A 155 -32.03 -15.66 -17.48
CA ASP A 155 -30.83 -16.34 -17.95
C ASP A 155 -29.94 -16.82 -16.78
N ARG A 156 -30.56 -17.15 -15.63
CA ARG A 156 -29.87 -17.64 -14.44
C ARG A 156 -30.00 -19.15 -14.34
N GLN A 157 -29.03 -19.77 -13.68
CA GLN A 157 -29.02 -21.22 -13.51
C GLN A 157 -29.99 -21.67 -12.42
N TYR A 158 -30.72 -22.77 -12.69
CA TYR A 158 -31.70 -23.46 -11.83
C TYR A 158 -33.11 -22.85 -11.90
N ILE A 159 -33.35 -21.95 -12.87
CA ILE A 159 -34.68 -21.36 -13.08
C ILE A 159 -35.55 -22.37 -13.83
N LYS A 160 -36.68 -22.75 -13.23
CA LYS A 160 -37.65 -23.69 -13.80
C LYS A 160 -38.58 -23.02 -14.80
N ASP A 161 -39.11 -21.83 -14.47
CA ASP A 161 -40.01 -21.07 -15.35
C ASP A 161 -39.40 -19.69 -15.71
N ARG A 162 -38.60 -19.70 -16.79
CA ARG A 162 -37.90 -18.55 -17.34
C ARG A 162 -38.82 -17.47 -17.91
N GLU A 163 -39.98 -17.87 -18.44
CA GLU A 163 -41.00 -16.98 -19.03
C GLU A 163 -41.59 -16.06 -17.95
N ALA A 164 -41.96 -16.64 -16.79
CA ALA A 164 -42.49 -15.92 -15.61
C ALA A 164 -41.54 -14.80 -15.13
N VAL A 165 -40.22 -15.04 -15.17
CA VAL A 165 -39.18 -14.07 -14.76
C VAL A 165 -39.00 -12.98 -15.82
N GLU A 166 -38.97 -13.39 -17.11
CA GLU A 166 -38.79 -12.49 -18.24
C GLU A 166 -39.92 -11.47 -18.28
N LYS A 167 -41.14 -11.91 -17.87
CA LYS A 167 -42.31 -11.04 -17.79
C LYS A 167 -42.11 -9.95 -16.73
N LEU A 168 -41.38 -10.26 -15.65
CA LEU A 168 -41.09 -9.27 -14.60
C LEU A 168 -39.91 -8.34 -14.96
N GLN A 169 -38.94 -8.85 -15.73
CA GLN A 169 -37.76 -8.06 -16.10
C GLN A 169 -38.03 -7.01 -17.21
N GLU A 170 -38.85 -7.37 -18.23
CA GLU A 170 -39.16 -6.51 -19.38
C GLU A 170 -39.62 -5.08 -19.01
N PRO A 171 -40.65 -4.83 -18.15
CA PRO A 171 -40.99 -3.43 -17.84
C PRO A 171 -39.83 -2.63 -17.24
N LEU A 172 -38.94 -3.27 -16.46
CA LEU A 172 -37.77 -2.61 -15.88
C LEU A 172 -36.75 -2.26 -16.96
N LEU A 173 -36.56 -3.15 -17.95
CA LEU A 173 -35.66 -2.90 -19.07
C LEU A 173 -36.18 -1.72 -19.85
N ASP A 174 -37.52 -1.64 -20.03
CA ASP A 174 -38.24 -0.57 -20.75
C ASP A 174 -38.03 0.82 -20.12
N VAL A 175 -38.10 0.88 -18.76
CA VAL A 175 -37.90 2.10 -17.99
C VAL A 175 -36.45 2.56 -18.12
N LEU A 176 -35.48 1.62 -17.93
CA LEU A 176 -34.07 1.95 -18.03
C LEU A 176 -33.72 2.52 -19.39
N GLN A 177 -34.19 1.87 -20.46
CA GLN A 177 -33.99 2.29 -21.84
C GLN A 177 -34.48 3.73 -22.04
N LYS A 178 -35.66 4.05 -21.47
CA LYS A 178 -36.24 5.39 -21.50
C LYS A 178 -35.37 6.43 -20.76
N LEU A 179 -34.92 6.12 -19.52
CA LEU A 179 -34.06 7.03 -18.74
C LEU A 179 -32.77 7.38 -19.47
N CYS A 180 -32.17 6.41 -20.17
CA CYS A 180 -30.93 6.62 -20.92
C CYS A 180 -31.11 7.58 -22.08
N LYS A 181 -32.24 7.45 -22.82
CA LYS A 181 -32.60 8.31 -23.97
C LYS A 181 -32.88 9.77 -23.56
N ILE A 182 -33.09 10.01 -22.24
CA ILE A 182 -33.42 11.30 -21.65
C ILE A 182 -32.21 11.97 -20.97
N HIS A 183 -31.49 11.25 -20.09
CA HIS A 183 -30.36 11.81 -19.34
C HIS A 183 -29.03 11.78 -20.08
N GLN A 184 -28.92 10.92 -21.10
CA GLN A 184 -27.71 10.83 -21.91
C GLN A 184 -28.09 10.86 -23.42
N PRO A 185 -28.69 11.98 -23.93
CA PRO A 185 -29.07 12.01 -25.35
C PRO A 185 -27.90 12.14 -26.33
N GLU A 186 -26.75 12.69 -25.87
CA GLU A 186 -25.54 12.84 -26.70
C GLU A 186 -24.87 11.46 -26.96
N ASN A 187 -25.14 10.46 -26.09
CA ASN A 187 -24.64 9.09 -26.18
C ASN A 187 -25.81 8.10 -26.40
N PRO A 188 -26.14 7.74 -27.66
CA PRO A 188 -27.28 6.84 -27.90
C PRO A 188 -27.02 5.37 -27.59
N GLN A 189 -25.76 5.02 -27.36
CA GLN A 189 -25.32 3.67 -27.05
C GLN A 189 -25.34 3.39 -25.54
N HIS A 190 -25.69 4.40 -24.72
CA HIS A 190 -25.69 4.37 -23.24
C HIS A 190 -26.43 3.16 -22.62
N PHE A 191 -27.61 2.82 -23.13
CA PHE A 191 -28.38 1.67 -22.61
C PHE A 191 -27.62 0.37 -22.90
N ALA A 192 -27.13 0.20 -24.14
CA ALA A 192 -26.33 -0.96 -24.56
C ALA A 192 -25.05 -1.08 -23.71
N CYS A 193 -24.39 0.05 -23.38
CA CYS A 193 -23.21 0.12 -22.52
C CYS A 193 -23.54 -0.48 -21.15
N LEU A 194 -24.66 -0.02 -20.54
CA LEU A 194 -25.15 -0.46 -19.24
C LEU A 194 -25.41 -1.95 -19.21
N LEU A 195 -26.09 -2.46 -20.24
CA LEU A 195 -26.41 -3.88 -20.36
C LEU A 195 -25.17 -4.75 -20.50
N GLY A 196 -24.14 -4.20 -21.13
CA GLY A 196 -22.83 -4.81 -21.32
C GLY A 196 -22.05 -4.99 -20.04
N ARG A 197 -22.25 -4.08 -19.06
CA ARG A 197 -21.63 -4.13 -17.71
C ARG A 197 -22.03 -5.36 -16.93
N LEU A 198 -23.26 -5.86 -17.20
CA LEU A 198 -23.84 -7.03 -16.53
C LEU A 198 -23.09 -8.33 -16.83
N THR A 199 -22.42 -8.39 -18.00
CA THR A 199 -21.59 -9.53 -18.43
C THR A 199 -20.30 -9.49 -17.62
N GLU A 200 -19.77 -8.26 -17.35
CA GLU A 200 -18.56 -8.12 -16.55
C GLU A 200 -18.88 -8.47 -15.10
N LEU A 201 -20.11 -8.12 -14.65
CA LEU A 201 -20.57 -8.45 -13.31
C LEU A 201 -20.54 -9.95 -13.11
N ARG A 202 -21.03 -10.72 -14.10
CA ARG A 202 -21.09 -12.17 -14.03
C ARG A 202 -19.72 -12.85 -13.79
N THR A 203 -18.61 -12.26 -14.31
CA THR A 203 -17.24 -12.77 -14.10
C THR A 203 -16.87 -12.78 -12.60
N PHE A 204 -17.16 -11.68 -11.86
CA PHE A 204 -16.91 -11.58 -10.41
C PHE A 204 -17.62 -12.65 -9.64
N ASN A 205 -18.86 -12.96 -10.06
CA ASN A 205 -19.66 -14.01 -9.46
C ASN A 205 -18.99 -15.36 -9.69
N HIS A 206 -18.48 -15.62 -10.92
CA HIS A 206 -17.77 -16.86 -11.23
C HIS A 206 -16.51 -17.07 -10.37
N HIS A 207 -15.82 -15.97 -9.98
CA HIS A 207 -14.59 -16.02 -9.19
C HIS A 207 -14.70 -15.55 -7.74
N HIS A 208 -15.92 -15.38 -7.20
CA HIS A 208 -16.12 -14.86 -5.85
C HIS A 208 -15.54 -15.79 -4.76
N ALA A 209 -15.72 -17.12 -4.90
CA ALA A 209 -15.20 -18.09 -3.92
C ALA A 209 -13.67 -18.04 -3.82
N GLU A 210 -12.97 -18.02 -4.97
CA GLU A 210 -11.50 -17.94 -5.01
C GLU A 210 -11.04 -16.60 -4.43
N MET A 211 -11.77 -15.52 -4.73
CA MET A 211 -11.50 -14.17 -4.20
C MET A 211 -11.52 -14.17 -2.67
N LEU A 212 -12.53 -14.83 -2.09
CA LEU A 212 -12.70 -14.94 -0.64
C LEU A 212 -11.65 -15.80 0.00
N MET A 213 -11.35 -16.98 -0.59
CA MET A 213 -10.38 -17.91 -0.05
C MET A 213 -8.95 -17.44 -0.20
N SER A 214 -8.64 -16.65 -1.24
CA SER A 214 -7.29 -16.11 -1.49
C SER A 214 -6.98 -14.87 -0.63
N TRP A 215 -7.96 -14.37 0.12
CA TRP A 215 -7.81 -13.24 1.02
C TRP A 215 -6.74 -13.56 2.04
N ARG A 216 -5.77 -12.66 2.19
CA ARG A 216 -4.59 -12.77 3.05
C ARG A 216 -4.89 -12.73 4.56
N VAL A 217 -5.67 -13.71 5.03
CA VAL A 217 -6.04 -13.91 6.44
C VAL A 217 -5.72 -15.35 6.86
N ASN A 218 -5.52 -15.58 8.17
CA ASN A 218 -5.23 -16.90 8.72
C ASN A 218 -6.48 -17.80 8.68
N ASP A 219 -7.64 -17.22 9.05
CA ASP A 219 -8.92 -17.93 9.05
C ASP A 219 -9.97 -17.18 8.25
N HIS A 220 -10.71 -17.90 7.42
CA HIS A 220 -11.80 -17.35 6.62
C HIS A 220 -13.08 -17.75 7.32
N LYS A 221 -13.49 -16.94 8.30
CA LYS A 221 -14.67 -17.19 9.12
C LYS A 221 -15.89 -16.50 8.49
N PHE A 222 -16.91 -17.31 8.17
CA PHE A 222 -18.17 -16.82 7.60
C PHE A 222 -19.33 -17.07 8.58
N THR A 223 -20.49 -16.52 8.25
CA THR A 223 -21.73 -16.64 9.01
C THR A 223 -22.62 -17.66 8.28
N PRO A 224 -23.61 -18.31 8.95
CA PRO A 224 -24.46 -19.28 8.23
C PRO A 224 -25.20 -18.70 7.01
N LEU A 225 -25.54 -17.41 7.07
CA LEU A 225 -26.23 -16.72 5.97
C LEU A 225 -25.28 -16.51 4.79
N LEU A 226 -24.00 -16.17 5.06
CA LEU A 226 -23.00 -15.99 4.00
C LEU A 226 -22.66 -17.30 3.32
N CYS A 227 -22.69 -18.43 4.06
CA CYS A 227 -22.48 -19.76 3.50
C CYS A 227 -23.58 -20.16 2.52
N GLU A 228 -24.79 -19.58 2.67
CA GLU A 228 -25.93 -19.86 1.78
C GLU A 228 -25.85 -19.04 0.49
N ILE A 229 -25.28 -17.83 0.58
CA ILE A 229 -25.18 -16.87 -0.53
C ILE A 229 -23.86 -17.00 -1.31
N TRP A 230 -22.78 -17.37 -0.62
CA TRP A 230 -21.46 -17.59 -1.21
C TRP A 230 -21.15 -19.09 -1.27
N ASP A 231 -20.32 -19.50 -2.21
CA ASP A 231 -19.98 -20.93 -2.34
C ASP A 231 -18.79 -21.28 -1.43
N VAL A 232 -18.96 -21.02 -0.11
CA VAL A 232 -17.94 -21.22 0.91
C VAL A 232 -18.41 -22.09 2.10
N GLN A 233 -17.44 -22.70 2.83
CA GLN A 233 -17.65 -23.53 4.00
C GLN A 233 -16.97 -22.91 5.22
N ASP B 2 -28.44 -26.74 0.89
CA ASP B 2 -29.69 -26.33 1.56
C ASP B 2 -29.67 -24.83 1.86
N HIS B 3 -30.85 -24.17 1.67
CA HIS B 3 -30.98 -22.72 1.87
C HIS B 3 -32.09 -22.41 2.86
N GLN B 4 -31.90 -22.86 4.11
CA GLN B 4 -32.85 -22.67 5.21
C GLN B 4 -33.09 -21.19 5.55
N LEU B 5 -32.00 -20.39 5.65
CA LEU B 5 -32.07 -18.97 6.04
C LEU B 5 -32.67 -18.09 4.97
N LEU B 6 -32.34 -18.37 3.68
CA LEU B 6 -32.87 -17.63 2.53
C LEU B 6 -34.35 -17.92 2.43
N ARG B 7 -34.71 -19.23 2.50
CA ARG B 7 -36.10 -19.71 2.52
C ARG B 7 -36.88 -19.02 3.64
N TYR B 8 -36.26 -18.87 4.83
CA TYR B 8 -36.90 -18.18 5.95
C TYR B 8 -37.10 -16.68 5.68
N LEU B 9 -36.05 -15.97 5.22
CA LEU B 9 -36.11 -14.54 4.92
C LEU B 9 -37.11 -14.20 3.81
N LEU B 10 -37.32 -15.11 2.87
CA LEU B 10 -38.25 -14.90 1.75
C LEU B 10 -39.71 -15.20 2.09
N ASP B 11 -39.98 -16.10 3.04
CA ASP B 11 -41.35 -16.49 3.38
C ASP B 11 -42.03 -15.66 4.48
N LYS B 12 -41.27 -15.14 5.48
CA LYS B 12 -41.80 -14.32 6.58
C LYS B 12 -42.35 -12.94 6.11
N ASP B 13 -43.07 -12.22 7.00
CA ASP B 13 -43.67 -10.91 6.70
C ASP B 13 -43.26 -9.86 7.73
N MET C 4 3.08 -9.45 -3.28
CA MET C 4 2.65 -8.38 -2.36
C MET C 4 3.32 -8.53 -0.97
N GLU C 5 3.19 -9.71 -0.33
CA GLU C 5 3.75 -10.03 0.98
C GLU C 5 5.16 -10.59 0.81
N LEU C 6 6.00 -10.56 1.89
CA LEU C 6 7.36 -11.13 1.85
C LEU C 6 7.30 -12.64 1.74
N THR C 7 8.26 -13.26 1.02
CA THR C 7 8.34 -14.73 0.87
C THR C 7 9.16 -15.27 2.07
N PRO C 8 9.17 -16.61 2.39
CA PRO C 8 9.98 -17.11 3.52
C PRO C 8 11.45 -16.75 3.44
N ASP C 9 12.05 -16.87 2.22
CA ASP C 9 13.46 -16.54 1.91
C ASP C 9 13.72 -15.08 2.17
N GLN C 10 12.78 -14.20 1.79
CA GLN C 10 12.88 -12.75 1.99
C GLN C 10 12.83 -12.40 3.48
N GLN C 11 11.94 -13.04 4.26
CA GLN C 11 11.84 -12.83 5.72
C GLN C 11 13.12 -13.29 6.41
N THR C 12 13.73 -14.39 5.93
CA THR C 12 14.98 -14.93 6.43
C THR C 12 16.13 -13.96 6.14
N LEU C 13 16.22 -13.44 4.89
CA LEU C 13 17.21 -12.46 4.47
C LEU C 13 17.08 -11.18 5.31
N LEU C 14 15.85 -10.64 5.43
CA LEU C 14 15.54 -9.43 6.20
C LEU C 14 15.99 -9.56 7.66
N HIS C 15 15.67 -10.68 8.33
CA HIS C 15 16.06 -10.96 9.72
C HIS C 15 17.57 -11.08 9.89
N PHE C 16 18.25 -11.64 8.87
CA PHE C 16 19.70 -11.76 8.88
C PHE C 16 20.37 -10.38 8.69
N ILE C 17 19.80 -9.50 7.83
CA ILE C 17 20.30 -8.14 7.64
C ILE C 17 20.07 -7.37 8.96
N MET C 18 18.93 -7.61 9.64
CA MET C 18 18.59 -7.00 10.92
C MET C 18 19.55 -7.36 12.03
N ASP C 19 19.87 -8.65 12.23
CA ASP C 19 20.80 -9.07 13.26
C ASP C 19 22.13 -8.36 13.06
N SER C 20 22.65 -8.41 11.81
CA SER C 20 23.88 -7.78 11.34
C SER C 20 23.88 -6.26 11.62
N TYR C 21 22.77 -5.55 11.31
CA TYR C 21 22.59 -4.10 11.47
C TYR C 21 22.51 -3.71 12.94
N ASN C 22 21.88 -4.56 13.79
CA ASN C 22 21.72 -4.29 15.23
C ASN C 22 23.04 -4.36 16.01
N LYS C 23 24.15 -4.80 15.37
CA LYS C 23 25.47 -4.83 16.01
C LYS C 23 26.05 -3.41 16.13
N GLN C 24 25.39 -2.42 15.51
CA GLN C 24 25.78 -1.01 15.53
C GLN C 24 25.64 -0.39 16.93
N ARG C 25 26.41 0.67 17.18
CA ARG C 25 26.40 1.41 18.45
C ARG C 25 24.98 1.99 18.70
N MET C 26 24.50 1.91 19.94
CA MET C 26 23.16 2.42 20.30
C MET C 26 22.97 3.90 19.95
N PRO C 27 21.85 4.30 19.28
CA PRO C 27 21.64 5.73 18.97
C PRO C 27 21.64 6.60 20.22
N GLN C 28 21.00 6.12 21.31
CA GLN C 28 20.93 6.78 22.62
C GLN C 28 22.33 7.02 23.20
N GLU C 29 23.27 6.06 23.02
CA GLU C 29 24.66 6.16 23.47
C GLU C 29 25.31 7.39 22.78
N ILE C 30 25.08 7.55 21.45
CA ILE C 30 25.60 8.66 20.64
C ILE C 30 25.00 10.01 21.06
N THR C 31 23.65 10.11 21.14
CA THR C 31 22.95 11.35 21.53
C THR C 31 23.27 11.80 22.95
N ASN C 32 23.51 10.84 23.90
CA ASN C 32 23.88 11.16 25.28
C ASN C 32 25.23 11.85 25.34
N LYS C 33 26.22 11.38 24.54
CA LYS C 33 27.56 11.94 24.45
C LYS C 33 27.47 13.42 24.02
N ILE C 34 26.60 13.73 23.04
CA ILE C 34 26.39 15.07 22.49
C ILE C 34 25.58 15.97 23.45
N LEU C 35 24.43 15.47 23.96
CA LEU C 35 23.55 16.22 24.88
C LEU C 35 24.13 16.42 26.29
N LYS C 36 25.14 15.61 26.70
CA LYS C 36 25.78 15.65 28.02
C LYS C 36 26.19 17.07 28.42
N GLU C 37 27.11 17.65 27.64
CA GLU C 37 27.63 18.99 27.84
C GLU C 37 27.99 19.58 26.48
N ALA C 38 28.12 20.91 26.41
CA ALA C 38 28.51 21.57 25.17
C ALA C 38 30.04 21.50 25.09
N PHE C 39 30.54 20.87 24.04
CA PHE C 39 31.98 20.70 23.81
C PHE C 39 32.48 21.79 22.89
N SER C 40 33.80 22.06 22.92
CA SER C 40 34.44 22.98 21.99
C SER C 40 34.45 22.33 20.59
N ALA C 41 34.82 23.09 19.55
CA ALA C 41 34.87 22.55 18.19
C ALA C 41 35.96 21.49 18.08
N GLU C 42 37.04 21.62 18.87
CA GLU C 42 38.17 20.68 18.93
C GLU C 42 37.77 19.36 19.57
N GLU C 43 36.94 19.41 20.66
CA GLU C 43 36.43 18.21 21.33
C GLU C 43 35.44 17.50 20.41
N ASN C 44 34.63 18.28 19.66
CA ASN C 44 33.63 17.79 18.72
C ASN C 44 34.24 17.07 17.51
N PHE C 45 35.33 17.63 16.94
CA PHE C 45 36.07 17.04 15.83
C PHE C 45 36.66 15.68 16.24
N LEU C 46 37.18 15.60 17.49
CA LEU C 46 37.73 14.38 18.10
C LEU C 46 36.62 13.33 18.24
N ILE C 47 35.42 13.75 18.71
CA ILE C 47 34.26 12.85 18.82
C ILE C 47 33.91 12.31 17.41
N LEU C 48 33.90 13.19 16.38
CA LEU C 48 33.59 12.85 14.98
C LEU C 48 34.51 11.74 14.47
N THR C 49 35.84 11.92 14.63
CA THR C 49 36.87 10.96 14.21
C THR C 49 36.75 9.63 14.94
N GLU C 50 36.42 9.65 16.24
CA GLU C 50 36.23 8.44 17.05
C GLU C 50 34.98 7.70 16.56
N MET C 51 33.84 8.42 16.42
CA MET C 51 32.56 7.86 15.96
C MET C 51 32.72 7.22 14.57
N ALA C 52 33.37 7.95 13.63
CA ALA C 52 33.59 7.51 12.26
C ALA C 52 34.52 6.32 12.18
N THR C 53 35.55 6.24 13.05
CA THR C 53 36.46 5.08 13.08
C THR C 53 35.65 3.83 13.45
N ASN C 54 34.83 3.90 14.50
CA ASN C 54 34.01 2.76 14.93
C ASN C 54 32.97 2.40 13.88
N HIS C 55 32.34 3.43 13.28
CA HIS C 55 31.33 3.27 12.26
C HIS C 55 31.88 2.45 11.08
N VAL C 56 33.06 2.82 10.55
CA VAL C 56 33.68 2.12 9.43
C VAL C 56 34.03 0.66 9.81
N GLN C 57 34.47 0.44 11.05
CA GLN C 57 34.77 -0.91 11.50
C GLN C 57 33.50 -1.76 11.53
N VAL C 58 32.39 -1.22 12.06
CA VAL C 58 31.14 -1.98 12.12
C VAL C 58 30.57 -2.18 10.69
N LEU C 59 30.79 -1.19 9.80
CA LEU C 59 30.33 -1.24 8.42
C LEU C 59 31.01 -2.34 7.62
N VAL C 60 32.32 -2.56 7.82
CA VAL C 60 33.04 -3.64 7.14
C VAL C 60 32.42 -4.98 7.50
N GLU C 61 32.18 -5.21 8.80
CA GLU C 61 31.55 -6.45 9.31
C GLU C 61 30.14 -6.67 8.75
N PHE C 62 29.33 -5.61 8.63
CA PHE C 62 27.97 -5.68 8.08
C PHE C 62 28.06 -6.01 6.58
N THR C 63 28.99 -5.34 5.87
CA THR C 63 29.25 -5.49 4.44
C THR C 63 29.66 -6.92 4.10
N LYS C 64 30.59 -7.52 4.88
CA LYS C 64 31.05 -8.87 4.59
C LYS C 64 29.94 -9.93 4.79
N LYS C 65 28.93 -9.64 5.63
CA LYS C 65 27.79 -10.52 5.86
C LYS C 65 26.69 -10.35 4.79
N LEU C 66 26.79 -9.34 3.87
CA LEU C 66 25.79 -9.14 2.80
C LEU C 66 25.88 -10.29 1.80
N PRO C 67 24.75 -10.95 1.50
CA PRO C 67 24.79 -12.11 0.58
C PRO C 67 25.43 -11.84 -0.77
N GLY C 68 26.44 -12.65 -1.08
CA GLY C 68 27.17 -12.59 -2.34
C GLY C 68 28.38 -11.71 -2.34
N PHE C 69 28.53 -10.84 -1.31
CA PHE C 69 29.66 -9.90 -1.22
C PHE C 69 31.02 -10.57 -1.31
N GLN C 70 31.21 -11.73 -0.66
CA GLN C 70 32.50 -12.44 -0.65
C GLN C 70 32.83 -13.07 -2.01
N THR C 71 31.82 -13.28 -2.89
CA THR C 71 32.01 -13.82 -4.24
C THR C 71 32.49 -12.74 -5.24
N LEU C 72 32.42 -11.48 -4.82
CA LEU C 72 32.86 -10.34 -5.63
C LEU C 72 34.38 -10.28 -5.71
N ASP C 73 34.91 -9.74 -6.82
CA ASP C 73 36.34 -9.51 -7.03
C ASP C 73 36.88 -8.62 -5.90
N HIS C 74 38.08 -8.95 -5.39
CA HIS C 74 38.72 -8.27 -4.27
C HIS C 74 38.85 -6.75 -4.46
N GLU C 75 39.23 -6.30 -5.67
CA GLU C 75 39.38 -4.87 -5.94
C GLU C 75 38.02 -4.15 -5.97
N ASP C 76 36.96 -4.85 -6.49
CA ASP C 76 35.59 -4.31 -6.52
C ASP C 76 35.04 -4.17 -5.08
N GLN C 77 35.42 -5.10 -4.18
CA GLN C 77 35.03 -5.08 -2.76
C GLN C 77 35.55 -3.80 -2.08
N ILE C 78 36.83 -3.42 -2.33
CA ILE C 78 37.50 -2.23 -1.79
C ILE C 78 36.80 -0.97 -2.32
N ALA C 79 36.56 -0.93 -3.65
CA ALA C 79 35.91 0.15 -4.36
C ALA C 79 34.50 0.39 -3.83
N LEU C 80 33.72 -0.69 -3.56
CA LEU C 80 32.38 -0.56 -2.99
C LEU C 80 32.42 0.02 -1.57
N LEU C 81 33.39 -0.42 -0.76
CA LEU C 81 33.52 0.05 0.63
C LEU C 81 33.98 1.48 0.74
N LYS C 82 35.00 1.84 -0.05
CA LYS C 82 35.55 3.20 -0.09
C LYS C 82 34.49 4.21 -0.60
N GLY C 83 33.69 3.79 -1.57
CA GLY C 83 32.64 4.62 -2.15
C GLY C 83 31.36 4.76 -1.35
N SER C 84 31.18 3.97 -0.27
CA SER C 84 29.94 4.04 0.48
C SER C 84 30.08 4.42 1.94
N ALA C 85 31.31 4.37 2.51
CA ALA C 85 31.52 4.65 3.93
C ALA C 85 30.94 5.98 4.41
N VAL C 86 31.24 7.08 3.70
CA VAL C 86 30.76 8.42 4.03
C VAL C 86 29.21 8.51 3.94
N GLU C 87 28.63 7.98 2.86
CA GLU C 87 27.18 8.01 2.64
C GLU C 87 26.45 7.23 3.73
N ALA C 88 27.01 6.08 4.15
CA ALA C 88 26.46 5.23 5.20
C ALA C 88 26.44 5.90 6.57
N MET C 89 27.49 6.65 6.90
CA MET C 89 27.54 7.41 8.17
C MET C 89 26.50 8.55 8.17
N PHE C 90 26.33 9.25 7.03
CA PHE C 90 25.30 10.29 6.91
C PHE C 90 23.90 9.71 7.01
N LEU C 91 23.68 8.55 6.39
CA LEU C 91 22.38 7.88 6.44
C LEU C 91 22.07 7.45 7.88
N ARG C 92 23.08 6.93 8.59
CA ARG C 92 22.98 6.50 9.97
C ARG C 92 22.75 7.70 10.91
N SER C 93 23.37 8.85 10.58
CA SER C 93 23.21 10.10 11.33
C SER C 93 21.78 10.62 11.21
N ALA C 94 21.14 10.44 10.04
CA ALA C 94 19.74 10.84 9.82
C ALA C 94 18.81 9.98 10.68
N GLU C 95 19.11 8.68 10.78
CA GLU C 95 18.36 7.74 11.62
C GLU C 95 18.44 8.18 13.09
N ILE C 96 19.68 8.40 13.58
CA ILE C 96 19.96 8.84 14.94
C ILE C 96 19.21 10.16 15.25
N PHE C 97 19.31 11.14 14.33
CA PHE C 97 18.66 12.43 14.44
C PHE C 97 17.16 12.31 14.65
N ASN C 98 16.51 11.45 13.85
CA ASN C 98 15.06 11.26 13.82
C ASN C 98 14.49 10.31 14.88
N LYS C 99 15.32 9.77 15.78
CA LYS C 99 14.85 8.92 16.87
C LYS C 99 14.20 9.81 17.93
N LYS C 100 13.00 9.41 18.39
CA LYS C 100 12.23 10.16 19.39
C LYS C 100 12.96 10.25 20.72
N LEU C 101 12.98 11.46 21.30
CA LEU C 101 13.62 11.77 22.57
C LEU C 101 12.62 12.56 23.45
N PRO C 102 12.81 12.69 24.80
CA PRO C 102 11.88 13.50 25.59
C PRO C 102 11.76 14.93 25.05
N SER C 103 10.60 15.58 25.22
CA SER C 103 10.31 16.93 24.73
C SER C 103 11.46 17.93 24.95
N GLY C 104 11.84 18.63 23.87
CA GLY C 104 12.90 19.62 23.88
C GLY C 104 14.30 19.13 23.55
N HIS C 105 14.59 17.82 23.78
CA HIS C 105 15.88 17.15 23.55
C HIS C 105 16.33 17.22 22.09
N SER C 106 15.37 17.07 21.15
CA SER C 106 15.65 17.07 19.71
C SER C 106 16.06 18.45 19.20
N ASP C 107 15.56 19.50 19.86
CA ASP C 107 15.86 20.90 19.55
C ASP C 107 17.27 21.24 20.05
N LEU C 108 17.65 20.70 21.25
CA LEU C 108 18.97 20.89 21.85
C LEU C 108 20.03 20.13 21.08
N LEU C 109 19.70 18.90 20.62
CA LEU C 109 20.61 18.08 19.83
C LEU C 109 20.94 18.79 18.51
N GLU C 110 19.92 19.37 17.84
CA GLU C 110 20.08 20.11 16.61
C GLU C 110 21.04 21.29 16.80
N ALA C 111 20.82 22.11 17.85
CA ALA C 111 21.63 23.27 18.20
C ALA C 111 23.09 22.90 18.55
N ARG C 112 23.29 21.75 19.22
CA ARG C 112 24.62 21.25 19.57
C ARG C 112 25.41 20.86 18.30
N ILE C 113 24.74 20.19 17.34
CA ILE C 113 25.35 19.79 16.07
C ILE C 113 25.67 21.06 15.24
N ARG C 114 24.73 22.02 15.21
CA ARG C 114 24.88 23.30 14.50
C ARG C 114 26.12 24.06 14.97
N ASN C 115 26.45 23.93 16.27
CA ASN C 115 27.60 24.58 16.91
C ASN C 115 28.83 23.67 17.13
N SER C 116 28.92 22.58 16.37
CA SER C 116 30.00 21.61 16.48
C SER C 116 31.39 22.02 15.87
N GLY C 117 31.41 23.01 14.99
CA GLY C 117 32.63 23.45 14.31
C GLY C 117 32.53 23.43 12.80
N ILE C 118 31.55 22.68 12.28
CA ILE C 118 31.26 22.57 10.85
C ILE C 118 30.78 23.95 10.29
N SER C 119 31.16 24.26 9.02
CA SER C 119 30.78 25.50 8.32
C SER C 119 29.29 25.53 8.05
N ASP C 120 28.71 26.75 8.05
CA ASP C 120 27.27 26.99 7.81
C ASP C 120 26.79 26.51 6.45
N GLU C 121 27.65 26.61 5.42
CA GLU C 121 27.39 26.16 4.05
C GLU C 121 27.07 24.66 3.96
N TYR C 122 27.52 23.88 4.95
CA TYR C 122 27.30 22.44 5.01
C TYR C 122 26.20 22.05 6.00
N ILE C 123 25.95 22.93 6.99
CA ILE C 123 24.95 22.76 8.05
C ILE C 123 23.52 22.63 7.48
N THR C 124 23.08 23.61 6.66
CA THR C 124 21.74 23.67 6.07
C THR C 124 21.47 22.45 5.17
N PRO C 125 22.29 22.11 4.13
CA PRO C 125 21.96 20.91 3.33
C PRO C 125 21.88 19.61 4.15
N MET C 126 22.65 19.52 5.26
CA MET C 126 22.65 18.37 6.16
C MET C 126 21.36 18.28 6.92
N PHE C 127 20.93 19.39 7.52
CA PHE C 127 19.67 19.41 8.25
C PHE C 127 18.46 19.27 7.33
N SER C 128 18.58 19.75 6.08
CA SER C 128 17.55 19.61 5.06
C SER C 128 17.36 18.08 4.76
N PHE C 129 18.49 17.36 4.59
CA PHE C 129 18.46 15.92 4.33
C PHE C 129 17.90 15.13 5.53
N TYR C 130 18.30 15.46 6.76
CA TYR C 130 17.83 14.78 7.97
C TYR C 130 16.32 14.93 8.14
N LYS C 131 15.80 16.16 7.97
CA LYS C 131 14.37 16.46 8.10
C LYS C 131 13.54 15.80 6.99
N SER C 132 14.11 15.71 5.76
CA SER C 132 13.52 15.04 4.61
C SER C 132 13.39 13.53 4.90
N ILE C 133 14.42 12.93 5.56
CA ILE C 133 14.45 11.52 5.95
C ILE C 133 13.38 11.25 7.02
N GLY C 134 13.29 12.13 8.03
CA GLY C 134 12.34 12.03 9.13
C GLY C 134 10.89 12.07 8.70
N GLU C 135 10.60 12.83 7.63
CA GLU C 135 9.27 12.96 7.04
C GLU C 135 8.78 11.62 6.46
N LEU C 136 9.72 10.77 6.03
CA LEU C 136 9.43 9.44 5.47
C LEU C 136 9.01 8.40 6.51
N LYS C 137 9.24 8.67 7.82
CA LYS C 137 8.89 7.79 8.97
C LYS C 137 9.42 6.37 8.77
N MET C 138 10.72 6.25 8.41
CA MET C 138 11.39 4.98 8.14
C MET C 138 11.56 4.09 9.38
N THR C 139 11.34 2.78 9.20
CA THR C 139 11.51 1.79 10.27
C THR C 139 12.97 1.35 10.28
N GLN C 140 13.41 0.59 11.32
CA GLN C 140 14.77 0.07 11.37
C GLN C 140 15.11 -0.83 10.16
N GLU C 141 14.11 -1.61 9.69
CA GLU C 141 14.23 -2.51 8.55
C GLU C 141 14.55 -1.74 7.28
N GLU C 142 13.87 -0.58 7.09
CA GLU C 142 14.08 0.29 5.92
C GLU C 142 15.47 0.91 5.93
N TYR C 143 15.95 1.38 7.11
CA TYR C 143 17.30 1.94 7.24
C TYR C 143 18.36 0.91 6.91
N ALA C 144 18.21 -0.33 7.44
CA ALA C 144 19.12 -1.45 7.23
C ALA C 144 19.23 -1.87 5.77
N LEU C 145 18.10 -1.91 5.06
CA LEU C 145 18.07 -2.29 3.65
C LEU C 145 18.60 -1.20 2.77
N LEU C 146 18.25 0.06 3.08
CA LEU C 146 18.75 1.23 2.33
C LEU C 146 20.27 1.33 2.48
N THR C 147 20.84 0.97 3.66
CA THR C 147 22.28 0.93 3.91
C THR C 147 22.91 -0.14 3.03
N ALA C 148 22.29 -1.33 2.98
CA ALA C 148 22.76 -2.45 2.16
C ALA C 148 22.74 -2.07 0.66
N ILE C 149 21.70 -1.33 0.21
CA ILE C 149 21.52 -0.85 -1.16
C ILE C 149 22.59 0.22 -1.53
N VAL C 150 23.00 1.07 -0.56
CA VAL C 150 24.03 2.12 -0.70
C VAL C 150 25.40 1.44 -0.91
N ILE C 151 25.72 0.41 -0.08
CA ILE C 151 26.98 -0.33 -0.20
C ILE C 151 27.06 -1.06 -1.55
N LEU C 152 25.97 -1.74 -1.95
CA LEU C 152 25.98 -2.50 -3.18
C LEU C 152 25.56 -1.69 -4.39
N SER C 153 26.19 -0.52 -4.58
CA SER C 153 25.89 0.37 -5.70
C SER C 153 26.75 0.08 -6.92
N PRO C 154 26.15 -0.34 -8.06
CA PRO C 154 26.96 -0.68 -9.25
C PRO C 154 27.66 0.49 -9.92
N ASP C 155 27.17 1.71 -9.69
CA ASP C 155 27.64 2.93 -10.33
C ASP C 155 28.83 3.63 -9.66
N ARG C 156 29.47 2.99 -8.65
CA ARG C 156 30.63 3.56 -7.96
C ARG C 156 31.86 3.62 -8.87
N GLN C 157 32.73 4.64 -8.72
CA GLN C 157 33.99 4.78 -9.47
C GLN C 157 34.91 3.59 -9.15
N TYR C 158 35.59 3.05 -10.18
CA TYR C 158 36.53 1.92 -10.14
C TYR C 158 35.88 0.50 -10.14
N ILE C 159 34.54 0.36 -10.34
CA ILE C 159 33.92 -0.97 -10.40
C ILE C 159 34.17 -1.63 -11.76
N LYS C 160 34.79 -2.82 -11.76
CA LYS C 160 35.15 -3.59 -12.95
C LYS C 160 33.98 -4.43 -13.48
N ASP C 161 33.24 -5.11 -12.59
CA ASP C 161 32.07 -5.93 -12.95
C ASP C 161 30.80 -5.39 -12.28
N ARG C 162 30.16 -4.45 -12.97
CA ARG C 162 28.96 -3.77 -12.49
C ARG C 162 27.74 -4.69 -12.45
N GLU C 163 27.66 -5.64 -13.41
CA GLU C 163 26.59 -6.63 -13.53
C GLU C 163 26.51 -7.50 -12.28
N ALA C 164 27.67 -7.94 -11.75
CA ALA C 164 27.76 -8.74 -10.55
C ALA C 164 27.22 -7.98 -9.32
N VAL C 165 27.50 -6.66 -9.20
CA VAL C 165 27.02 -5.81 -8.10
C VAL C 165 25.50 -5.66 -8.21
N GLU C 166 25.03 -5.38 -9.43
CA GLU C 166 23.63 -5.23 -9.78
C GLU C 166 22.83 -6.43 -9.29
N LYS C 167 23.30 -7.66 -9.59
CA LYS C 167 22.75 -8.96 -9.20
C LYS C 167 22.59 -9.11 -7.70
N LEU C 168 23.49 -8.50 -6.91
CA LEU C 168 23.39 -8.53 -5.45
C LEU C 168 22.42 -7.46 -4.90
N GLN C 169 22.27 -6.31 -5.62
CA GLN C 169 21.40 -5.21 -5.21
C GLN C 169 19.90 -5.47 -5.46
N GLU C 170 19.53 -6.17 -6.57
CA GLU C 170 18.13 -6.48 -6.95
C GLU C 170 17.31 -7.21 -5.84
N PRO C 171 17.71 -8.37 -5.25
CA PRO C 171 16.87 -8.96 -4.17
C PRO C 171 16.62 -8.02 -2.99
N LEU C 172 17.59 -7.18 -2.65
CA LEU C 172 17.46 -6.21 -1.56
C LEU C 172 16.51 -5.08 -1.96
N LEU C 173 16.55 -4.66 -3.25
CA LEU C 173 15.62 -3.65 -3.77
C LEU C 173 14.18 -4.19 -3.79
N ASP C 174 14.03 -5.51 -4.03
CA ASP C 174 12.76 -6.26 -4.02
C ASP C 174 12.14 -6.27 -2.61
N VAL C 175 12.97 -6.52 -1.57
CA VAL C 175 12.53 -6.57 -0.17
C VAL C 175 12.08 -5.17 0.26
N LEU C 176 12.90 -4.14 -0.02
CA LEU C 176 12.59 -2.75 0.34
C LEU C 176 11.28 -2.29 -0.26
N GLN C 177 11.11 -2.56 -1.57
CA GLN C 177 9.90 -2.22 -2.32
C GLN C 177 8.67 -2.85 -1.63
N LYS C 178 8.80 -4.12 -1.18
CA LYS C 178 7.75 -4.85 -0.46
C LYS C 178 7.42 -4.20 0.90
N LEU C 179 8.44 -3.87 1.71
CA LEU C 179 8.24 -3.22 3.01
C LEU C 179 7.50 -1.91 2.91
N CYS C 180 7.79 -1.11 1.87
CA CYS C 180 7.13 0.17 1.62
C CYS C 180 5.65 0.01 1.32
N LYS C 181 5.29 -0.99 0.49
CA LYS C 181 3.90 -1.31 0.11
C LYS C 181 3.04 -1.79 1.28
N ILE C 182 3.70 -2.19 2.39
CA ILE C 182 3.08 -2.74 3.59
C ILE C 182 2.98 -1.72 4.74
N HIS C 183 4.09 -1.04 5.08
CA HIS C 183 4.12 -0.07 6.19
C HIS C 183 3.66 1.33 5.83
N GLN C 184 3.67 1.67 4.53
CA GLN C 184 3.21 2.98 4.05
C GLN C 184 2.24 2.77 2.87
N PRO C 185 1.05 2.12 3.09
CA PRO C 185 0.12 1.90 1.96
C PRO C 185 -0.61 3.15 1.48
N GLU C 186 -0.77 4.18 2.38
CA GLU C 186 -1.40 5.46 2.05
C GLU C 186 -0.53 6.31 1.08
N ASN C 187 0.81 6.04 1.07
CA ASN C 187 1.78 6.72 0.22
C ASN C 187 2.43 5.70 -0.76
N PRO C 188 1.90 5.56 -2.00
CA PRO C 188 2.46 4.56 -2.93
C PRO C 188 3.79 4.94 -3.56
N GLN C 189 4.18 6.22 -3.43
CA GLN C 189 5.41 6.76 -4.00
C GLN C 189 6.60 6.63 -3.03
N HIS C 190 6.34 6.11 -1.82
CA HIS C 190 7.30 5.94 -0.75
C HIS C 190 8.64 5.28 -1.16
N PHE C 191 8.60 4.16 -1.93
CA PHE C 191 9.81 3.48 -2.40
C PHE C 191 10.64 4.41 -3.30
N ALA C 192 9.98 5.07 -4.26
CA ALA C 192 10.61 6.03 -5.16
C ALA C 192 11.23 7.21 -4.39
N CYS C 193 10.56 7.67 -3.31
CA CYS C 193 11.05 8.73 -2.43
C CYS C 193 12.38 8.30 -1.81
N LEU C 194 12.43 7.04 -1.26
CA LEU C 194 13.61 6.45 -0.64
C LEU C 194 14.78 6.39 -1.59
N LEU C 195 14.54 5.92 -2.82
CA LEU C 195 15.55 5.80 -3.86
C LEU C 195 16.12 7.17 -4.29
N GLY C 196 15.28 8.20 -4.21
CA GLY C 196 15.63 9.59 -4.47
C GLY C 196 16.61 10.16 -3.46
N ARG C 197 16.52 9.70 -2.18
CA ARG C 197 17.39 10.11 -1.08
C ARG C 197 18.86 9.79 -1.31
N LEU C 198 19.16 8.68 -2.05
CA LEU C 198 20.51 8.22 -2.44
C LEU C 198 21.25 9.24 -3.32
N THR C 199 20.50 10.05 -4.11
CA THR C 199 21.09 11.10 -4.96
C THR C 199 21.59 12.20 -4.02
N GLU C 200 20.81 12.47 -2.94
CA GLU C 200 21.19 13.51 -1.99
C GLU C 200 22.37 13.06 -1.17
N LEU C 201 22.48 11.75 -0.85
CA LEU C 201 23.62 11.17 -0.14
C LEU C 201 24.93 11.32 -0.89
N ARG C 202 24.89 11.24 -2.24
CA ARG C 202 26.08 11.41 -3.08
C ARG C 202 26.66 12.83 -3.02
N THR C 203 25.83 13.85 -2.80
CA THR C 203 26.31 15.23 -2.67
C THR C 203 27.25 15.36 -1.46
N PHE C 204 26.84 14.84 -0.27
CA PHE C 204 27.64 14.86 0.96
C PHE C 204 28.99 14.18 0.77
N ASN C 205 29.00 13.06 0.04
CA ASN C 205 30.20 12.32 -0.28
C ASN C 205 31.11 13.21 -1.16
N HIS C 206 30.55 13.89 -2.17
CA HIS C 206 31.32 14.77 -3.04
C HIS C 206 32.00 15.94 -2.26
N HIS C 207 31.36 16.44 -1.17
CA HIS C 207 31.88 17.53 -0.37
C HIS C 207 32.42 17.16 1.02
N HIS C 208 32.64 15.86 1.31
CA HIS C 208 33.07 15.42 2.63
C HIS C 208 34.48 15.95 3.01
N ALA C 209 35.43 15.99 2.06
CA ALA C 209 36.80 16.47 2.31
C ALA C 209 36.80 17.97 2.70
N GLU C 210 36.05 18.81 1.95
CA GLU C 210 35.94 20.25 2.24
C GLU C 210 35.24 20.45 3.57
N MET C 211 34.21 19.62 3.89
CA MET C 211 33.49 19.64 5.16
C MET C 211 34.45 19.43 6.33
N LEU C 212 35.37 18.46 6.19
CA LEU C 212 36.35 18.12 7.20
C LEU C 212 37.40 19.19 7.36
N MET C 213 37.93 19.70 6.24
CA MET C 213 38.99 20.71 6.27
C MET C 213 38.48 22.09 6.70
N SER C 214 37.20 22.42 6.44
CA SER C 214 36.58 23.70 6.82
C SER C 214 36.15 23.74 8.30
N TRP C 215 36.24 22.59 8.99
CA TRP C 215 35.91 22.46 10.41
C TRP C 215 36.78 23.43 11.20
N ARG C 216 36.14 24.24 12.04
CA ARG C 216 36.74 25.31 12.86
C ARG C 216 37.65 24.79 13.99
N VAL C 217 38.74 24.09 13.61
CA VAL C 217 39.78 23.56 14.50
C VAL C 217 41.16 24.00 14.01
N ASN C 218 42.15 24.04 14.93
CA ASN C 218 43.52 24.42 14.61
C ASN C 218 44.21 23.34 13.78
N ASP C 219 44.05 22.06 14.20
CA ASP C 219 44.63 20.91 13.52
C ASP C 219 43.57 19.86 13.18
N HIS C 220 43.62 19.35 11.95
CA HIS C 220 42.71 18.32 11.47
C HIS C 220 43.49 17.01 11.52
N LYS C 221 43.47 16.37 12.70
CA LYS C 221 44.19 15.13 12.93
C LYS C 221 43.30 13.93 12.67
N PHE C 222 43.72 13.06 11.74
CA PHE C 222 43.02 11.82 11.38
C PHE C 222 43.84 10.58 11.76
N THR C 223 43.22 9.41 11.65
CA THR C 223 43.82 8.11 11.95
C THR C 223 44.17 7.45 10.59
N PRO C 224 45.11 6.47 10.53
CA PRO C 224 45.42 5.83 9.24
C PRO C 224 44.23 5.19 8.53
N LEU C 225 43.25 4.69 9.30
CA LEU C 225 42.04 4.08 8.76
C LEU C 225 41.14 5.15 8.12
N LEU C 226 41.01 6.32 8.77
CA LEU C 226 40.21 7.42 8.24
C LEU C 226 40.82 8.01 6.97
N CYS C 227 42.16 8.01 6.85
CA CYS C 227 42.85 8.46 5.64
C CYS C 227 42.57 7.55 4.45
N GLU C 228 42.22 6.27 4.70
CA GLU C 228 41.89 5.29 3.66
C GLU C 228 40.45 5.46 3.17
N ILE C 229 39.55 5.85 4.05
CA ILE C 229 38.12 5.99 3.80
C ILE C 229 37.71 7.41 3.35
N TRP C 230 38.41 8.42 3.85
CA TRP C 230 38.20 9.84 3.53
C TRP C 230 39.32 10.33 2.62
N ASP C 231 39.04 11.34 1.79
CA ASP C 231 40.07 11.88 0.89
C ASP C 231 40.91 12.96 1.61
N VAL C 232 41.53 12.56 2.73
CA VAL C 232 42.32 13.46 3.58
C VAL C 232 43.73 12.93 3.88
N GLN C 233 44.65 13.85 4.24
CA GLN C 233 46.05 13.59 4.60
C GLN C 233 46.32 14.03 6.04
N HIS D 3 45.83 1.20 0.85
CA HIS D 3 44.55 0.65 1.29
C HIS D 3 44.70 -0.72 2.03
N GLN D 4 45.88 -0.88 2.67
CA GLN D 4 46.28 -2.04 3.46
C GLN D 4 45.29 -2.40 4.57
N LEU D 5 44.76 -1.39 5.29
CA LEU D 5 43.82 -1.59 6.41
C LEU D 5 42.45 -2.07 5.97
N LEU D 6 41.93 -1.55 4.82
CA LEU D 6 40.64 -1.98 4.27
C LEU D 6 40.78 -3.41 3.80
N ARG D 7 41.89 -3.70 3.05
CA ARG D 7 42.23 -5.05 2.59
C ARG D 7 42.29 -6.02 3.78
N TYR D 8 42.88 -5.57 4.91
CA TYR D 8 42.93 -6.40 6.12
C TYR D 8 41.55 -6.63 6.73
N LEU D 9 40.75 -5.56 6.94
CA LEU D 9 39.41 -5.73 7.53
C LEU D 9 38.45 -6.59 6.66
N LEU D 10 38.63 -6.56 5.34
CA LEU D 10 37.80 -7.32 4.41
C LEU D 10 38.17 -8.80 4.30
N ASP D 11 39.44 -9.15 4.50
CA ASP D 11 39.89 -10.54 4.33
C ASP D 11 39.78 -11.40 5.60
N LYS D 12 39.83 -10.78 6.79
CA LYS D 12 39.76 -11.47 8.07
C LYS D 12 38.37 -12.11 8.36
N ASP D 13 38.30 -12.93 9.45
CA ASP D 13 37.08 -13.61 9.89
C ASP D 13 36.92 -13.45 11.41
N1 9N7 E . -15.90 -3.12 -0.89
N3 9N7 E . -15.42 -2.98 -3.07
C4 9N7 E . -15.84 -1.76 -1.17
C5 9N7 E . -15.54 -1.68 -2.52
C6 9N7 E . -17.50 -3.37 1.01
C7 9N7 E . -16.14 -3.77 0.43
C8 9N7 E . -16.01 -0.65 -0.37
C10 9N7 E . -15.43 -0.43 -3.13
N12 9N7 E . -18.51 -3.31 0.11
C13 9N7 E . -15.89 0.57 -0.98
C15 9N7 E . -15.61 0.69 -2.33
C20 9N7 E . -22.55 -2.38 0.97
C21 9N7 E . -15.43 -11.66 -2.85
C22 9N7 E . -16.73 -11.84 -2.62
C24 9N7 E . -16.86 -5.89 -2.12
C26 9N7 E . -16.96 -7.27 -2.24
C28 9N7 E . -14.98 -3.50 1.41
C2 9N7 E . -15.62 -3.79 -2.06
F33 9N7 E . -15.49 1.91 -2.86
F32 9N7 E . -16.05 1.70 -0.24
C14 9N7 E . -15.61 -5.26 -2.20
C18 9N7 E . -15.83 -8.06 -2.45
C9 9N7 E . -15.97 -9.54 -2.55
N11 9N7 E . -14.98 -10.36 -2.82
S17 9N7 E . -17.49 -10.33 -2.33
C27 9N7 E . -14.58 -7.43 -2.52
C25 9N7 E . -14.46 -6.05 -2.40
O19 9N7 E . -17.64 -3.14 2.21
C29 9N7 E . -19.87 -2.98 0.40
C35 9N7 E . -20.84 -3.10 -0.59
C30 9N7 E . -22.17 -2.80 -0.31
C16 9N7 E . -23.99 -2.06 1.28
O23 9N7 E . -24.41 -2.05 2.43
O34 9N7 E . -24.74 -1.79 0.25
C31 9N7 E . -21.57 -2.28 1.96
C36 9N7 E . -20.25 -2.57 1.67
C37 9N7 E . -13.61 -3.39 0.67
C40 9N7 E . -12.45 -3.12 1.64
C41 9N7 E . -12.39 -4.18 2.74
C39 9N7 E . -13.73 -4.31 3.47
C38 9N7 E . -14.88 -4.58 2.49
N1 9N7 F . 26.87 13.43 13.42
N3 9N7 F . 25.43 14.22 11.87
C4 9N7 F . 25.61 13.36 14.01
C5 9N7 F . 24.72 13.84 13.04
C6 9N7 F . 28.25 11.60 14.48
C7 9N7 F . 28.18 13.08 14.03
C8 9N7 F . 25.19 12.91 15.25
C10 9N7 F . 23.35 13.87 13.32
N12 9N7 F . 27.66 10.69 13.64
C13 9N7 F . 23.85 12.96 15.51
C15 9N7 F . 22.94 13.43 14.56
C20 9N7 F . 27.54 6.47 14.19
C21 9N7 F . 32.56 15.53 7.02
C22 9N7 F . 32.91 14.26 6.81
C24 9N7 F . 28.35 13.08 10.55
C26 9N7 F . 29.39 13.21 9.64
C28 9N7 F . 28.55 14.05 15.17
C2 9N7 F . 26.70 13.97 12.15
F33 9N7 F . 21.63 13.45 14.88
F32 9N7 F . 23.39 12.54 16.71
C14 9N7 F . 27.80 14.21 11.20
C18 9N7 F . 29.93 14.47 9.36
C9 9N7 F . 31.09 14.60 8.36
N11 9N7 F . 31.53 15.74 7.90
S17 9N7 F . 31.93 13.21 7.73
C27 9N7 F . 29.39 15.59 10.00
C25 9N7 F . 28.34 15.45 10.91
O19 9N7 F . 28.80 11.28 15.52
C29 9N7 F . 27.61 9.26 13.84
C35 9N7 F . 27.23 8.41 12.79
C30 9N7 F . 27.19 7.04 12.97
C16 9N7 F . 27.51 4.96 14.40
O23 9N7 F . 27.94 4.45 15.42
O34 9N7 F . 26.98 4.26 13.43
C31 9N7 F . 27.93 7.31 15.24
C36 9N7 F . 27.96 8.69 15.06
C37 9N7 F . 28.03 15.53 14.88
C40 9N7 F . 28.42 16.50 15.99
C41 9N7 F . 29.93 16.50 16.24
C39 9N7 F . 30.43 15.08 16.57
C38 9N7 F . 30.06 14.07 15.44
#